data_2BML
#
_entry.id   2BML
#
_cell.length_a   101.670
_cell.length_b   94.480
_cell.length_c   38.100
_cell.angle_alpha   90.00
_cell.angle_beta   90.00
_cell.angle_gamma   90.00
#
_symmetry.space_group_name_H-M   'P 21 21 2'
#
loop_
_entity.id
_entity.type
_entity.pdbx_description
1 polymer AUTOLYSIN
2 non-polymer 2-AMINO-2-HYDROXYMETHYL-PROPANE-1,3-DIOL
3 non-polymer 'HEXAETHYLENE GLYCOL'
4 non-polymer DEXTROFLOXACINE
5 non-polymer 'TETRAETHYLENE GLYCOL'
6 non-polymer 'SULFATE ION'
7 water water
#
_entity_poly.entity_id   1
_entity_poly.type   'polypeptide(L)'
_entity_poly.pdbx_seq_one_letter_code
;SYPKDKFEKINGTWYYFDSSGYMLADRWRKHTDGNWYWFDNSGEMATGWKKIADKWYYFNEEGAMKTGWVKYKDTWYYLD
AKEGAMVSNAFIQSADGTGWYYLKPDGTLADRPEFTVEPDGLITVK
;
_entity_poly.pdbx_strand_id   A,B
#
# COMPACT_ATOMS: atom_id res chain seq x y z
N TYR A 2 -42.88 -3.86 -5.75
CA TYR A 2 -43.01 -3.72 -7.22
C TYR A 2 -41.72 -4.08 -7.96
N PRO A 3 -40.61 -3.39 -7.65
CA PRO A 3 -39.30 -3.64 -8.28
C PRO A 3 -38.67 -4.96 -7.87
N LYS A 4 -37.52 -5.28 -8.46
CA LYS A 4 -36.82 -6.50 -8.12
C LYS A 4 -35.55 -6.73 -8.93
N ASP A 5 -34.42 -6.77 -8.24
CA ASP A 5 -33.12 -7.00 -8.87
C ASP A 5 -32.79 -5.98 -9.96
N LYS A 6 -32.79 -4.70 -9.59
CA LYS A 6 -32.52 -3.66 -10.55
C LYS A 6 -32.60 -2.27 -9.93
N PHE A 7 -32.08 -1.28 -10.64
CA PHE A 7 -32.15 0.08 -10.15
C PHE A 7 -33.58 0.50 -10.37
N GLU A 8 -34.14 1.25 -9.43
CA GLU A 8 -35.51 1.70 -9.55
C GLU A 8 -35.59 3.16 -9.17
N LYS A 9 -36.21 3.96 -10.03
CA LYS A 9 -36.34 5.39 -9.76
C LYS A 9 -37.69 5.63 -9.11
N ILE A 10 -37.68 6.09 -7.85
CA ILE A 10 -38.91 6.37 -7.13
C ILE A 10 -38.98 7.86 -6.81
N ASN A 11 -40.06 8.50 -7.23
CA ASN A 11 -40.25 9.92 -6.97
C ASN A 11 -38.99 10.74 -7.27
N GLY A 12 -38.45 10.57 -8.48
CA GLY A 12 -37.27 11.32 -8.88
C GLY A 12 -35.94 10.88 -8.29
N THR A 13 -35.96 9.88 -7.41
CA THR A 13 -34.74 9.37 -6.79
C THR A 13 -34.53 7.90 -7.14
N TRP A 14 -33.27 7.50 -7.27
CA TRP A 14 -32.95 6.11 -7.58
C TRP A 14 -32.65 5.26 -6.36
N TYR A 15 -33.08 4.00 -6.43
CA TYR A 15 -32.86 3.05 -5.37
C TYR A 15 -32.48 1.76 -6.05
N TYR A 16 -32.11 0.75 -5.27
CA TYR A 16 -31.77 -0.55 -5.82
C TYR A 16 -32.47 -1.62 -4.99
N PHE A 17 -33.04 -2.62 -5.66
CA PHE A 17 -33.70 -3.71 -4.95
C PHE A 17 -33.01 -5.00 -5.34
N ASP A 18 -32.29 -5.60 -4.39
CA ASP A 18 -31.58 -6.84 -4.68
C ASP A 18 -32.52 -7.82 -5.36
N SER A 19 -31.98 -8.93 -5.84
CA SER A 19 -32.81 -9.92 -6.51
C SER A 19 -33.72 -10.66 -5.53
N SER A 20 -34.47 -9.91 -4.73
CA SER A 20 -35.39 -10.49 -3.77
C SER A 20 -36.44 -9.48 -3.34
N GLY A 21 -36.39 -8.27 -3.90
CA GLY A 21 -37.37 -7.25 -3.58
C GLY A 21 -37.04 -6.29 -2.46
N TYR A 22 -35.87 -6.42 -1.85
CA TYR A 22 -35.51 -5.53 -0.77
C TYR A 22 -34.52 -4.46 -1.20
N MET A 23 -34.89 -3.21 -0.96
CA MET A 23 -34.03 -2.10 -1.35
C MET A 23 -32.83 -1.98 -0.45
N LEU A 24 -31.68 -1.73 -1.06
CA LEU A 24 -30.45 -1.59 -0.32
C LEU A 24 -30.42 -0.24 0.41
N ALA A 25 -30.05 -0.28 1.69
CA ALA A 25 -29.94 0.92 2.51
C ALA A 25 -28.62 0.75 3.23
N ASP A 26 -27.81 1.80 3.24
CA ASP A 26 -26.49 1.78 3.87
C ASP A 26 -25.76 0.50 3.40
N ARG A 27 -25.65 0.34 2.08
CA ARG A 27 -25.05 -0.85 1.50
C ARG A 27 -24.37 -0.63 0.13
N TRP A 28 -23.12 -1.09 0.00
CA TRP A 28 -22.41 -0.98 -1.27
C TRP A 28 -22.90 -2.13 -2.16
N ARG A 29 -22.66 -2.00 -3.46
CA ARG A 29 -23.03 -3.05 -4.39
C ARG A 29 -22.21 -2.96 -5.67
N LYS A 30 -21.56 -4.05 -6.01
CA LYS A 30 -20.78 -4.11 -7.25
C LYS A 30 -21.80 -4.46 -8.33
N HIS A 31 -22.27 -3.45 -9.04
CA HIS A 31 -23.26 -3.68 -10.07
C HIS A 31 -22.73 -4.60 -11.17
N THR A 32 -23.64 -5.05 -12.01
CA THR A 32 -23.35 -5.96 -13.12
C THR A 32 -22.47 -5.29 -14.19
N ASP A 33 -22.16 -4.01 -13.99
CA ASP A 33 -21.38 -3.24 -14.95
C ASP A 33 -19.94 -2.99 -14.49
N GLY A 34 -19.55 -3.64 -13.39
CA GLY A 34 -18.20 -3.47 -12.88
C GLY A 34 -17.96 -2.22 -12.08
N ASN A 35 -18.98 -1.37 -11.96
CA ASN A 35 -18.87 -0.13 -11.20
C ASN A 35 -19.45 -0.33 -9.80
N TRP A 36 -19.03 0.52 -8.87
CA TRP A 36 -19.53 0.43 -7.50
C TRP A 36 -20.51 1.55 -7.17
N TYR A 37 -21.63 1.17 -6.56
CA TYR A 37 -22.65 2.10 -6.17
C TYR A 37 -22.87 2.05 -4.66
N TRP A 38 -23.41 3.12 -4.09
CA TRP A 38 -23.68 3.11 -2.65
C TRP A 38 -25.05 3.68 -2.41
N PHE A 39 -25.74 3.18 -1.38
CA PHE A 39 -27.05 3.69 -1.07
C PHE A 39 -27.08 4.11 0.39
N ASP A 40 -27.54 5.33 0.65
CA ASP A 40 -27.57 5.81 2.01
C ASP A 40 -28.69 5.14 2.83
N ASN A 41 -28.85 5.59 4.08
CA ASN A 41 -29.87 5.06 5.00
C ASN A 41 -31.29 5.06 4.50
N SER A 42 -31.58 5.93 3.54
CA SER A 42 -32.92 6.02 3.00
C SER A 42 -33.06 5.24 1.72
N GLY A 43 -31.99 4.57 1.31
CA GLY A 43 -32.01 3.79 0.08
C GLY A 43 -31.55 4.56 -1.15
N GLU A 44 -31.42 5.88 -1.01
CA GLU A 44 -31.01 6.73 -2.12
C GLU A 44 -29.61 6.39 -2.69
N MET A 45 -29.51 6.39 -4.02
CA MET A 45 -28.26 6.12 -4.69
C MET A 45 -27.29 7.29 -4.51
N ALA A 46 -26.06 6.99 -4.13
CA ALA A 46 -25.07 8.03 -3.92
C ALA A 46 -24.73 8.73 -5.24
N THR A 47 -24.46 10.03 -5.12
CA THR A 47 -24.11 10.89 -6.23
C THR A 47 -23.23 12.03 -5.68
N GLY A 48 -22.09 12.27 -6.32
CA GLY A 48 -21.19 13.30 -5.85
C GLY A 48 -20.33 12.84 -4.70
N TRP A 49 -19.59 13.75 -4.08
CA TRP A 49 -18.72 13.41 -2.94
C TRP A 49 -19.57 12.97 -1.77
N LYS A 50 -19.29 11.78 -1.22
CA LYS A 50 -20.04 11.25 -0.10
C LYS A 50 -19.05 10.62 0.90
N LYS A 51 -19.27 10.86 2.19
CA LYS A 51 -18.40 10.29 3.22
C LYS A 51 -19.11 9.07 3.80
N ILE A 52 -18.46 7.91 3.64
CA ILE A 52 -19.01 6.64 4.09
C ILE A 52 -18.03 5.84 4.97
N ALA A 53 -18.27 5.87 6.28
CA ALA A 53 -17.43 5.19 7.25
C ALA A 53 -16.08 5.87 7.44
N ASP A 54 -16.09 7.20 7.55
CA ASP A 54 -14.87 7.96 7.76
C ASP A 54 -13.99 8.13 6.53
N LYS A 55 -14.40 7.56 5.41
CA LYS A 55 -13.61 7.67 4.18
C LYS A 55 -14.44 8.44 3.16
N TRP A 56 -13.80 9.31 2.37
CA TRP A 56 -14.51 10.07 1.37
C TRP A 56 -14.46 9.36 0.02
N TYR A 57 -15.57 9.43 -0.70
CA TYR A 57 -15.70 8.82 -2.02
C TYR A 57 -16.32 9.83 -2.96
N TYR A 58 -16.26 9.52 -4.25
CA TYR A 58 -16.84 10.40 -5.25
C TYR A 58 -17.56 9.61 -6.31
N PHE A 59 -18.85 9.86 -6.41
CA PHE A 59 -19.70 9.20 -7.39
C PHE A 59 -20.11 10.20 -8.47
N ASN A 60 -20.18 9.76 -9.71
CA ASN A 60 -20.60 10.64 -10.80
C ASN A 60 -22.12 10.72 -10.76
N GLU A 61 -22.70 11.46 -11.70
CA GLU A 61 -24.15 11.65 -11.73
C GLU A 61 -24.96 10.38 -12.02
N GLU A 62 -24.28 9.31 -12.39
CA GLU A 62 -24.95 8.04 -12.66
C GLU A 62 -24.86 7.15 -11.44
N GLY A 63 -24.20 7.66 -10.39
CA GLY A 63 -24.05 6.90 -9.17
C GLY A 63 -22.87 5.93 -9.17
N ALA A 64 -22.04 5.96 -10.20
CA ALA A 64 -20.88 5.07 -10.27
C ALA A 64 -19.68 5.70 -9.58
N MET A 65 -19.07 4.95 -8.67
CA MET A 65 -17.89 5.40 -7.92
C MET A 65 -16.71 5.67 -8.86
N LYS A 66 -16.00 6.76 -8.60
CA LYS A 66 -14.84 7.13 -9.39
C LYS A 66 -13.55 6.71 -8.67
N THR A 67 -12.49 6.47 -9.44
CA THR A 67 -11.20 6.07 -8.86
C THR A 67 -10.12 6.80 -9.64
N GLY A 68 -8.96 7.01 -9.00
CA GLY A 68 -7.88 7.70 -9.68
C GLY A 68 -8.04 9.21 -9.62
N TRP A 69 -7.27 9.93 -10.42
CA TRP A 69 -7.37 11.37 -10.39
C TRP A 69 -8.74 11.84 -10.87
N VAL A 70 -9.26 12.83 -10.17
CA VAL A 70 -10.56 13.40 -10.49
C VAL A 70 -10.51 14.89 -10.18
N LYS A 71 -11.04 15.70 -11.09
CA LYS A 71 -11.06 17.13 -10.91
C LYS A 71 -12.43 17.49 -10.34
N TYR A 72 -12.46 18.43 -9.40
CA TYR A 72 -13.71 18.87 -8.81
C TYR A 72 -13.68 20.37 -8.56
N LYS A 73 -14.19 21.13 -9.51
CA LYS A 73 -14.21 22.59 -9.42
C LYS A 73 -12.77 23.10 -9.40
N ASP A 74 -12.09 22.94 -10.54
CA ASP A 74 -10.72 23.40 -10.70
C ASP A 74 -9.77 23.06 -9.55
N THR A 75 -9.83 21.81 -9.08
CA THR A 75 -8.96 21.32 -8.03
C THR A 75 -8.96 19.79 -8.11
N TRP A 76 -7.78 19.20 -8.03
CA TRP A 76 -7.67 17.75 -8.13
C TRP A 76 -7.62 16.98 -6.81
N TYR A 77 -8.10 15.75 -6.88
CA TYR A 77 -8.10 14.84 -5.75
C TYR A 77 -7.70 13.49 -6.32
N TYR A 78 -7.39 12.53 -5.47
CA TYR A 78 -7.03 11.21 -5.94
C TYR A 78 -7.67 10.14 -5.07
N LEU A 79 -8.61 9.44 -5.68
CA LEU A 79 -9.35 8.37 -5.04
C LEU A 79 -8.60 7.10 -5.35
N ASP A 80 -8.31 6.31 -4.32
CA ASP A 80 -7.57 5.07 -4.51
C ASP A 80 -8.00 4.33 -5.77
N ALA A 81 -7.07 4.18 -6.71
CA ALA A 81 -7.31 3.49 -7.97
C ALA A 81 -7.97 2.15 -7.68
N LYS A 82 -7.64 1.59 -6.53
CA LYS A 82 -8.17 0.31 -6.10
C LYS A 82 -9.49 0.47 -5.33
N GLU A 83 -9.38 0.90 -4.07
CA GLU A 83 -10.54 1.06 -3.20
C GLU A 83 -11.44 2.29 -3.39
N GLY A 84 -10.99 3.28 -4.15
CA GLY A 84 -11.82 4.45 -4.38
C GLY A 84 -11.84 5.53 -3.30
N ALA A 85 -11.42 5.18 -2.08
CA ALA A 85 -11.40 6.15 -1.00
C ALA A 85 -10.38 7.26 -1.28
N MET A 86 -10.75 8.49 -0.97
CA MET A 86 -9.85 9.62 -1.19
C MET A 86 -8.56 9.50 -0.37
N VAL A 87 -7.45 9.92 -0.98
CA VAL A 87 -6.14 9.89 -0.35
C VAL A 87 -5.86 11.30 0.15
N SER A 88 -5.21 11.41 1.31
CA SER A 88 -4.88 12.72 1.84
C SER A 88 -3.55 12.63 2.60
N ASN A 89 -2.82 13.75 2.66
CA ASN A 89 -1.51 13.81 3.31
C ASN A 89 -0.65 12.67 2.81
N ALA A 90 -0.57 12.52 1.50
CA ALA A 90 0.21 11.45 0.91
C ALA A 90 0.82 11.83 -0.44
N PHE A 91 1.85 11.08 -0.83
CA PHE A 91 2.54 11.28 -2.10
C PHE A 91 2.10 10.19 -3.06
N ILE A 92 1.62 10.59 -4.24
CA ILE A 92 1.20 9.64 -5.28
C ILE A 92 2.17 9.76 -6.44
N GLN A 93 2.74 8.62 -6.88
CA GLN A 93 3.69 8.62 -7.98
C GLN A 93 3.02 8.96 -9.30
N SER A 94 3.67 9.80 -10.10
CA SER A 94 3.13 10.19 -11.40
C SER A 94 2.97 8.96 -12.31
N ALA A 95 1.99 9.02 -13.21
CA ALA A 95 1.71 7.93 -14.15
C ALA A 95 2.95 7.36 -14.83
N ASP A 96 3.79 8.24 -15.36
CA ASP A 96 5.01 7.82 -16.04
C ASP A 96 6.15 7.62 -15.04
N GLY A 97 5.78 7.26 -13.81
CA GLY A 97 6.77 7.02 -12.78
C GLY A 97 7.94 7.97 -12.70
N THR A 98 7.76 9.19 -13.20
CA THR A 98 8.84 10.17 -13.19
C THR A 98 8.94 10.95 -11.88
N GLY A 99 7.85 11.04 -11.13
CA GLY A 99 7.88 11.77 -9.88
C GLY A 99 6.66 11.60 -9.00
N TRP A 100 6.38 12.58 -8.14
CA TRP A 100 5.25 12.47 -7.23
C TRP A 100 4.38 13.70 -7.11
N TYR A 101 3.14 13.49 -6.71
CA TYR A 101 2.20 14.58 -6.47
C TYR A 101 1.84 14.47 -5.00
N TYR A 102 1.69 15.60 -4.33
CA TYR A 102 1.35 15.54 -2.91
C TYR A 102 -0.06 16.00 -2.66
N LEU A 103 -0.81 15.16 -1.94
CA LEU A 103 -2.17 15.52 -1.61
C LEU A 103 -2.17 16.08 -0.19
N LYS A 104 -2.71 17.28 -0.03
CA LYS A 104 -2.74 17.89 1.29
C LYS A 104 -3.69 17.07 2.18
N PRO A 105 -3.58 17.24 3.52
CA PRO A 105 -4.44 16.51 4.47
C PRO A 105 -5.95 16.63 4.23
N ASP A 106 -6.36 17.55 3.36
CA ASP A 106 -7.77 17.73 3.07
C ASP A 106 -8.12 17.24 1.67
N GLY A 107 -7.32 16.32 1.15
CA GLY A 107 -7.57 15.77 -0.17
C GLY A 107 -7.03 16.55 -1.36
N THR A 108 -7.02 17.87 -1.31
CA THR A 108 -6.55 18.69 -2.42
C THR A 108 -5.09 18.55 -2.81
N LEU A 109 -4.83 18.64 -4.12
CA LEU A 109 -3.49 18.55 -4.66
C LEU A 109 -2.67 19.81 -4.38
N ALA A 110 -1.41 19.62 -4.00
CA ALA A 110 -0.54 20.76 -3.72
C ALA A 110 0.10 21.19 -5.04
N ASP A 111 -0.40 22.28 -5.61
CA ASP A 111 0.11 22.81 -6.86
C ASP A 111 1.54 23.29 -6.63
N ARG A 112 1.80 23.75 -5.41
CA ARG A 112 3.11 24.23 -5.03
C ARG A 112 3.47 23.84 -3.59
N PRO A 113 3.90 22.58 -3.39
CA PRO A 113 4.29 22.05 -2.08
C PRO A 113 5.69 22.52 -1.64
N GLU A 114 5.82 22.87 -0.38
CA GLU A 114 7.10 23.33 0.15
C GLU A 114 7.67 22.34 1.17
N PHE A 115 8.93 21.99 1.01
CA PHE A 115 9.56 21.04 1.92
C PHE A 115 10.66 21.67 2.75
N THR A 116 10.97 21.04 3.88
CA THR A 116 12.05 21.47 4.77
C THR A 116 12.64 20.18 5.32
N VAL A 117 13.94 19.98 5.14
CA VAL A 117 14.58 18.76 5.61
C VAL A 117 15.36 18.94 6.91
N GLU A 118 15.08 18.06 7.87
CA GLU A 118 15.77 18.09 9.16
C GLU A 118 17.15 17.48 8.98
N PRO A 119 17.97 17.49 10.03
CA PRO A 119 19.31 16.92 9.88
C PRO A 119 19.32 15.40 9.68
N ASP A 120 18.27 14.72 10.13
CA ASP A 120 18.20 13.27 9.98
C ASP A 120 17.50 12.86 8.69
N GLY A 121 17.02 13.85 7.94
CA GLY A 121 16.36 13.54 6.69
C GLY A 121 14.84 13.51 6.70
N LEU A 122 14.25 13.89 7.84
CA LEU A 122 12.80 13.92 7.97
C LEU A 122 12.21 15.04 7.12
N ILE A 123 11.31 14.68 6.21
CA ILE A 123 10.66 15.63 5.30
C ILE A 123 9.30 16.12 5.81
N THR A 124 9.19 17.44 6.02
CA THR A 124 7.93 18.03 6.49
C THR A 124 7.39 18.86 5.33
N VAL A 125 6.10 18.71 5.05
CA VAL A 125 5.48 19.42 3.93
C VAL A 125 4.32 20.32 4.32
N LYS A 126 4.17 21.41 3.56
CA LYS A 126 3.09 22.36 3.76
C LYS A 126 2.45 22.62 2.40
N SER B 1 18.56 -42.61 11.51
CA SER B 1 17.38 -41.70 11.61
C SER B 1 17.54 -40.46 10.73
N TYR B 2 16.72 -40.35 9.69
CA TYR B 2 16.78 -39.18 8.81
C TYR B 2 16.16 -38.01 9.58
N PRO B 3 16.60 -36.77 9.29
CA PRO B 3 16.09 -35.57 9.96
C PRO B 3 14.64 -35.13 9.66
N LYS B 4 13.90 -34.81 10.72
CA LYS B 4 12.51 -34.38 10.62
C LYS B 4 12.20 -33.30 11.67
N ASP B 5 11.35 -32.35 11.32
CA ASP B 5 10.94 -31.28 12.24
C ASP B 5 12.11 -30.50 12.84
N LYS B 6 13.15 -30.21 12.06
CA LYS B 6 14.30 -29.51 12.64
C LYS B 6 15.24 -28.82 11.65
N PHE B 7 16.01 -27.88 12.17
CA PHE B 7 17.02 -27.21 11.37
C PHE B 7 18.20 -28.16 11.53
N GLU B 8 18.78 -28.57 10.41
CA GLU B 8 19.92 -29.48 10.46
C GLU B 8 21.15 -28.75 9.93
N LYS B 9 22.24 -28.85 10.67
CA LYS B 9 23.49 -28.21 10.29
C LYS B 9 24.35 -29.30 9.64
N ILE B 10 24.27 -29.44 8.32
CA ILE B 10 25.06 -30.48 7.66
C ILE B 10 26.38 -29.94 7.12
N ASN B 11 27.47 -30.45 7.68
CA ASN B 11 28.81 -30.06 7.29
C ASN B 11 28.87 -28.78 6.50
N GLY B 12 28.68 -27.65 7.19
CA GLY B 12 28.71 -26.37 6.53
C GLY B 12 27.51 -25.46 6.76
N THR B 13 26.53 -25.55 5.86
CA THR B 13 25.34 -24.70 5.91
C THR B 13 24.14 -25.24 6.69
N TRP B 14 23.13 -24.39 6.87
CA TRP B 14 21.92 -24.76 7.59
C TRP B 14 20.75 -25.10 6.68
N TYR B 15 19.94 -26.06 7.12
CA TYR B 15 18.77 -26.49 6.36
C TYR B 15 17.62 -26.75 7.32
N TYR B 16 16.48 -27.14 6.75
CA TYR B 16 15.32 -27.46 7.55
C TYR B 16 14.55 -28.60 6.92
N PHE B 17 14.17 -29.56 7.74
CA PHE B 17 13.41 -30.71 7.29
C PHE B 17 12.11 -30.72 8.06
N ASP B 18 10.98 -30.73 7.36
CA ASP B 18 9.70 -30.72 8.06
C ASP B 18 9.46 -32.04 8.78
N SER B 19 8.24 -32.21 9.32
CA SER B 19 7.87 -33.42 10.07
C SER B 19 7.95 -34.71 9.27
N SER B 20 7.72 -34.65 7.96
CA SER B 20 7.79 -35.86 7.14
C SER B 20 9.20 -36.08 6.58
N GLY B 21 10.12 -35.22 7.01
CA GLY B 21 11.50 -35.35 6.57
C GLY B 21 11.85 -34.70 5.25
N TYR B 22 10.97 -33.85 4.72
CA TYR B 22 11.25 -33.17 3.45
C TYR B 22 12.19 -32.00 3.67
N MET B 23 13.12 -31.81 2.74
CA MET B 23 14.03 -30.69 2.85
C MET B 23 13.39 -29.47 2.18
N LEU B 24 13.15 -28.41 2.95
CA LEU B 24 12.57 -27.23 2.36
C LEU B 24 13.58 -26.60 1.38
N ALA B 25 13.10 -26.22 0.21
CA ALA B 25 13.97 -25.60 -0.79
C ALA B 25 13.15 -24.62 -1.63
N ASP B 26 13.73 -23.47 -1.92
CA ASP B 26 13.07 -22.44 -2.71
C ASP B 26 11.65 -22.18 -2.22
N ARG B 27 11.53 -21.83 -0.95
CA ARG B 27 10.26 -21.53 -0.33
C ARG B 27 10.48 -20.94 1.08
N TRP B 28 9.50 -20.20 1.56
CA TRP B 28 9.59 -19.59 2.88
C TRP B 28 9.19 -20.55 3.99
N ARG B 29 9.39 -20.11 5.22
CA ARG B 29 9.02 -20.90 6.38
C ARG B 29 8.91 -20.05 7.64
N LYS B 30 7.73 -20.10 8.24
CA LYS B 30 7.46 -19.37 9.47
C LYS B 30 7.70 -20.39 10.57
N HIS B 31 8.81 -20.25 11.26
CA HIS B 31 9.16 -21.19 12.33
C HIS B 31 8.30 -21.00 13.56
N THR B 32 8.46 -21.90 14.51
CA THR B 32 7.70 -21.87 15.76
C THR B 32 8.17 -20.72 16.63
N ASP B 33 9.18 -19.98 16.16
CA ASP B 33 9.68 -18.86 16.93
C ASP B 33 9.08 -17.55 16.44
N GLY B 34 8.15 -17.63 15.50
CA GLY B 34 7.52 -16.44 14.98
C GLY B 34 8.35 -15.77 13.92
N ASN B 35 9.42 -16.43 13.49
CA ASN B 35 10.27 -15.87 12.48
C ASN B 35 10.07 -16.55 11.14
N TRP B 36 10.36 -15.79 10.07
CA TRP B 36 10.26 -16.31 8.71
C TRP B 36 11.68 -16.59 8.27
N TYR B 37 11.84 -17.68 7.53
CA TYR B 37 13.14 -18.08 7.02
C TYR B 37 12.95 -18.38 5.54
N TRP B 38 14.04 -18.52 4.81
CA TRP B 38 13.97 -18.83 3.38
C TRP B 38 15.14 -19.75 3.05
N PHE B 39 14.92 -20.64 2.09
CA PHE B 39 15.95 -21.60 1.72
C PHE B 39 16.28 -21.60 0.23
N ASP B 40 17.56 -21.82 -0.09
CA ASP B 40 18.05 -21.86 -1.47
C ASP B 40 17.35 -22.92 -2.31
N ASN B 41 17.81 -23.03 -3.55
CA ASN B 41 17.30 -24.03 -4.50
C ASN B 41 17.86 -25.32 -3.94
N SER B 42 18.95 -25.17 -3.19
CA SER B 42 19.65 -26.28 -2.55
C SER B 42 19.25 -26.37 -1.09
N GLY B 43 18.19 -25.64 -0.74
CA GLY B 43 17.68 -25.63 0.63
C GLY B 43 18.54 -24.97 1.68
N GLU B 44 19.55 -24.21 1.28
CA GLU B 44 20.38 -23.54 2.27
C GLU B 44 19.64 -22.35 2.88
N MET B 45 19.66 -22.25 4.20
CA MET B 45 18.97 -21.16 4.86
C MET B 45 19.56 -19.82 4.47
N ALA B 46 18.68 -18.84 4.30
CA ALA B 46 19.09 -17.49 3.93
C ALA B 46 19.72 -16.68 5.07
N THR B 47 20.75 -15.93 4.70
CA THR B 47 21.51 -15.06 5.59
C THR B 47 21.70 -13.72 4.87
N GLY B 48 21.72 -12.63 5.62
CA GLY B 48 21.92 -11.32 5.03
C GLY B 48 20.87 -10.90 4.02
N TRP B 49 21.29 -10.12 3.04
CA TRP B 49 20.39 -9.67 1.99
C TRP B 49 20.18 -10.78 0.96
N LYS B 50 18.92 -10.98 0.58
CA LYS B 50 18.57 -11.99 -0.40
C LYS B 50 17.48 -11.41 -1.26
N LYS B 51 17.60 -11.61 -2.56
CA LYS B 51 16.60 -11.13 -3.49
C LYS B 51 15.78 -12.39 -3.79
N ILE B 52 14.51 -12.37 -3.42
CA ILE B 52 13.65 -13.52 -3.62
C ILE B 52 12.43 -13.10 -4.42
N ALA B 53 12.32 -13.62 -5.64
CA ALA B 53 11.21 -13.30 -6.52
C ALA B 53 11.13 -11.77 -6.75
N ASP B 54 12.23 -11.22 -7.27
CA ASP B 54 12.34 -9.79 -7.56
C ASP B 54 12.08 -8.81 -6.41
N LYS B 55 12.29 -9.25 -5.18
CA LYS B 55 12.11 -8.40 -4.01
C LYS B 55 13.26 -8.65 -3.04
N TRP B 56 13.73 -7.61 -2.38
CA TRP B 56 14.82 -7.76 -1.43
C TRP B 56 14.34 -7.93 0.02
N TYR B 57 15.11 -8.70 0.78
CA TYR B 57 14.81 -8.98 2.17
C TYR B 57 16.14 -9.04 2.91
N TYR B 58 16.07 -8.91 4.23
CA TYR B 58 17.27 -8.99 5.07
C TYR B 58 17.05 -9.97 6.22
N PHE B 59 17.94 -10.94 6.34
CA PHE B 59 17.85 -11.93 7.39
C PHE B 59 19.03 -11.69 8.33
N ASN B 60 18.86 -11.97 9.62
CA ASN B 60 19.95 -11.79 10.58
C ASN B 60 20.90 -12.99 10.53
N GLU B 61 21.99 -12.93 11.29
CA GLU B 61 22.96 -14.03 11.26
C GLU B 61 22.33 -15.40 11.51
N GLU B 62 21.13 -15.39 12.06
CA GLU B 62 20.45 -16.64 12.39
C GLU B 62 19.37 -17.07 11.41
N GLY B 63 19.18 -16.33 10.33
CA GLY B 63 18.17 -16.71 9.35
C GLY B 63 16.83 -16.02 9.47
N ALA B 64 16.60 -15.34 10.57
CA ALA B 64 15.34 -14.64 10.80
C ALA B 64 15.20 -13.37 9.94
N MET B 65 14.14 -13.31 9.15
CA MET B 65 13.90 -12.14 8.30
C MET B 65 13.61 -10.95 9.20
N LYS B 66 14.05 -9.77 8.81
CA LYS B 66 13.79 -8.58 9.61
C LYS B 66 12.74 -7.67 8.96
N THR B 67 12.12 -6.82 9.78
CA THR B 67 11.10 -5.88 9.29
C THR B 67 11.41 -4.49 9.81
N GLY B 68 10.79 -3.47 9.21
CA GLY B 68 11.02 -2.12 9.67
C GLY B 68 12.42 -1.63 9.41
N TRP B 69 12.80 -0.57 10.11
CA TRP B 69 14.11 0.05 9.94
C TRP B 69 15.29 -0.77 10.42
N VAL B 70 16.27 -0.93 9.55
CA VAL B 70 17.49 -1.65 9.87
C VAL B 70 18.67 -0.82 9.35
N LYS B 71 19.69 -0.64 10.17
CA LYS B 71 20.86 0.11 9.74
C LYS B 71 21.85 -0.94 9.23
N TYR B 72 22.30 -0.77 8.00
CA TYR B 72 23.23 -1.73 7.41
C TYR B 72 24.46 -0.99 6.92
N LYS B 73 25.61 -1.32 7.48
CA LYS B 73 26.86 -0.68 7.09
C LYS B 73 26.78 0.83 7.20
N ASP B 74 26.22 1.29 8.33
CA ASP B 74 26.05 2.70 8.68
C ASP B 74 24.97 3.50 7.95
N THR B 75 24.24 2.84 7.05
CA THR B 75 23.18 3.51 6.30
C THR B 75 21.84 2.81 6.54
N TRP B 76 20.78 3.61 6.71
CA TRP B 76 19.45 3.08 6.99
C TRP B 76 18.64 2.58 5.82
N TYR B 77 17.89 1.51 6.06
CA TYR B 77 17.00 0.88 5.09
C TYR B 77 15.64 0.62 5.74
N TYR B 78 14.59 0.46 4.94
CA TYR B 78 13.29 0.17 5.52
C TYR B 78 12.64 -1.06 4.87
N LEU B 79 12.53 -2.11 5.68
CA LEU B 79 11.90 -3.36 5.25
C LEU B 79 10.42 -3.32 5.63
N ASP B 80 9.54 -3.73 4.73
CA ASP B 80 8.11 -3.68 5.03
C ASP B 80 7.79 -4.22 6.42
N ALA B 81 6.83 -3.58 7.09
CA ALA B 81 6.43 -3.96 8.45
C ALA B 81 5.91 -5.40 8.55
N LYS B 82 5.14 -5.83 7.57
CA LYS B 82 4.62 -7.19 7.55
C LYS B 82 5.36 -7.98 6.49
N GLU B 83 5.27 -7.55 5.25
CA GLU B 83 5.92 -8.24 4.14
C GLU B 83 7.42 -8.41 4.29
N GLY B 84 8.11 -7.39 4.80
CA GLY B 84 9.54 -7.49 4.96
C GLY B 84 10.36 -7.07 3.73
N ALA B 85 9.73 -7.01 2.57
CA ALA B 85 10.43 -6.61 1.35
C ALA B 85 11.00 -5.21 1.47
N MET B 86 12.24 -5.03 1.00
CA MET B 86 12.89 -3.72 1.06
C MET B 86 12.13 -2.67 0.24
N VAL B 87 11.81 -1.56 0.89
CA VAL B 87 11.11 -0.46 0.24
C VAL B 87 12.13 0.40 -0.49
N SER B 88 11.78 0.89 -1.69
CA SER B 88 12.68 1.75 -2.44
C SER B 88 11.91 2.72 -3.32
N ASN B 89 12.45 3.93 -3.49
CA ASN B 89 11.82 4.96 -4.30
C ASN B 89 10.42 5.20 -3.80
N ALA B 90 10.31 5.45 -2.50
CA ALA B 90 9.02 5.67 -1.84
C ALA B 90 9.23 6.54 -0.61
N PHE B 91 8.14 7.05 -0.05
CA PHE B 91 8.17 7.90 1.15
C PHE B 91 7.51 7.15 2.29
N ILE B 92 8.23 7.02 3.41
CA ILE B 92 7.70 6.34 4.58
C ILE B 92 7.41 7.38 5.67
N GLN B 93 6.25 7.28 6.33
CA GLN B 93 5.91 8.20 7.41
C GLN B 93 6.79 7.92 8.62
N SER B 94 7.20 8.97 9.32
CA SER B 94 8.01 8.81 10.52
C SER B 94 7.08 8.22 11.57
N ALA B 95 7.65 7.56 12.58
CA ALA B 95 6.85 6.94 13.63
C ALA B 95 5.88 7.89 14.36
N ASP B 96 6.12 9.20 14.31
CA ASP B 96 5.24 10.14 15.01
C ASP B 96 4.43 11.05 14.08
N GLY B 97 4.20 10.59 12.85
CA GLY B 97 3.43 11.37 11.90
C GLY B 97 3.94 12.74 11.51
N THR B 98 5.02 13.21 12.13
CA THR B 98 5.59 14.53 11.84
C THR B 98 5.82 14.79 10.36
N GLY B 99 6.57 13.91 9.70
CA GLY B 99 6.87 14.08 8.29
C GLY B 99 7.14 12.77 7.58
N TRP B 100 8.11 12.77 6.67
CA TRP B 100 8.41 11.55 5.92
C TRP B 100 9.90 11.26 5.78
N TYR B 101 10.20 10.10 5.21
CA TYR B 101 11.57 9.69 4.92
C TYR B 101 11.54 9.14 3.51
N TYR B 102 12.55 9.51 2.73
CA TYR B 102 12.61 9.03 1.36
C TYR B 102 13.66 7.93 1.22
N LEU B 103 13.24 6.85 0.57
CA LEU B 103 14.13 5.75 0.34
C LEU B 103 14.44 5.76 -1.15
N LYS B 104 15.73 5.79 -1.45
CA LYS B 104 16.19 5.83 -2.82
C LYS B 104 15.88 4.55 -3.58
N PRO B 105 16.02 4.59 -4.91
CA PRO B 105 15.76 3.40 -5.71
C PRO B 105 16.62 2.22 -5.27
N ASP B 106 17.78 2.48 -4.67
CA ASP B 106 18.64 1.37 -4.21
C ASP B 106 18.29 0.94 -2.80
N GLY B 107 17.25 1.53 -2.23
CA GLY B 107 16.82 1.18 -0.89
C GLY B 107 17.35 2.01 0.26
N THR B 108 18.46 2.70 0.06
CA THR B 108 19.06 3.50 1.13
C THR B 108 18.32 4.77 1.50
N LEU B 109 18.44 5.18 2.76
CA LEU B 109 17.82 6.41 3.25
C LEU B 109 18.48 7.64 2.63
N ALA B 110 17.70 8.70 2.43
CA ALA B 110 18.24 9.92 1.85
C ALA B 110 18.48 10.95 2.96
N ASP B 111 19.76 11.28 3.15
CA ASP B 111 20.19 12.27 4.14
C ASP B 111 19.72 13.66 3.73
N ARG B 112 20.14 14.09 2.55
CA ARG B 112 19.76 15.39 2.02
C ARG B 112 18.96 15.23 0.74
N PRO B 113 17.70 14.76 0.86
CA PRO B 113 16.88 14.59 -0.35
C PRO B 113 16.72 15.94 -1.05
N GLU B 114 16.99 15.95 -2.35
CA GLU B 114 16.90 17.17 -3.18
C GLU B 114 15.52 17.25 -3.83
N PHE B 115 14.85 18.39 -3.68
CA PHE B 115 13.51 18.54 -4.27
C PHE B 115 13.38 19.51 -5.44
N THR B 116 12.55 19.11 -6.39
CA THR B 116 12.27 19.88 -7.59
C THR B 116 10.76 19.86 -7.80
N VAL B 117 10.15 21.03 -7.99
CA VAL B 117 8.70 21.10 -8.19
C VAL B 117 8.31 21.72 -9.52
N GLU B 118 7.65 20.93 -10.36
CA GLU B 118 7.18 21.37 -11.67
C GLU B 118 6.11 22.46 -11.54
N PRO B 119 5.55 22.92 -12.66
CA PRO B 119 4.51 23.96 -12.60
C PRO B 119 3.18 23.40 -12.08
N ASP B 120 2.79 22.21 -12.55
CA ASP B 120 1.55 21.58 -12.11
C ASP B 120 1.63 21.00 -10.70
N GLY B 121 2.83 20.99 -10.12
CA GLY B 121 3.01 20.45 -8.79
C GLY B 121 3.72 19.11 -8.74
N LEU B 122 4.26 18.65 -9.87
CA LEU B 122 4.97 17.37 -9.91
C LEU B 122 6.31 17.46 -9.18
N ILE B 123 6.49 16.56 -8.21
CA ILE B 123 7.68 16.50 -7.38
C ILE B 123 8.72 15.51 -7.92
N THR B 124 9.98 15.94 -7.92
CA THR B 124 11.09 15.10 -8.36
C THR B 124 12.08 15.04 -7.21
N VAL B 125 12.58 13.86 -6.89
CA VAL B 125 13.53 13.74 -5.79
C VAL B 125 14.85 13.16 -6.23
N LYS B 126 15.90 13.96 -6.16
CA LYS B 126 17.24 13.53 -6.54
C LYS B 126 17.94 12.97 -5.30
#